data_3KEF
#
_entry.id   3KEF
#
_cell.length_a   70.120
_cell.length_b   80.380
_cell.length_c   110.840
_cell.angle_alpha   90.00
_cell.angle_beta   90.00
_cell.angle_gamma   90.00
#
_symmetry.space_group_name_H-M   'P 21 21 21'
#
loop_
_entity.id
_entity.type
_entity.pdbx_description
1 polymer '4-hydroxy-3-methylbut-2-enyl diphosphate reductase'
2 non-polymer 'FE3-S4 CLUSTER'
3 non-polymer 'DIMETHYLALLYL DIPHOSPHATE'
4 water water
#
_entity_poly.entity_id   1
_entity_poly.type   'polypeptide(L)'
_entity_poly.pdbx_seq_one_letter_code
;MRGSHHHHHHMQILLANPRGFCAGVDRAISIVENALAIYGAPIYVRHEVVHNRYVVDSLRERGAIFIEQISEVPDGAILI
FSAHGVSQAVRNEAKSRDLTVFDATCPLVTKVHMEVARASRRGEESILIGHAGHPEVEGTMGQYSNPEGGMYLVESPDDV
WKLTVKNEEKLSFMTQTTLSVDDTSDVIDALRKRFPKIVGPRKDDICYATTNRQEAVRALAEQAEVVLVVGSKNSSNSNR
LAELAQRMGKRAFLIDDAKDIQEEWVKEVKCVGVTAGASAPDILVQNVVARLQQLGGGEAIPLEGREENIVFEVPKELRV
DIREVD
;
_entity_poly.pdbx_strand_id   A,B
#
loop_
_chem_comp.id
_chem_comp.type
_chem_comp.name
_chem_comp.formula
DMA non-polymer 'DIMETHYLALLYL DIPHOSPHATE' 'C5 H12 O7 P2'
F3S non-polymer 'FE3-S4 CLUSTER' 'Fe3 S4'
#
# COMPACT_ATOMS: atom_id res chain seq x y z
N MET A 11 17.67 8.42 34.67
CA MET A 11 16.39 8.20 33.93
C MET A 11 16.66 7.55 32.58
N GLN A 12 15.90 6.49 32.27
CA GLN A 12 16.05 5.77 31.02
C GLN A 12 15.17 6.38 29.94
N ILE A 13 15.72 6.55 28.75
CA ILE A 13 14.98 7.12 27.62
C ILE A 13 14.71 6.02 26.59
N LEU A 14 13.45 5.75 26.34
CA LEU A 14 13.08 4.73 25.36
C LEU A 14 12.41 5.42 24.19
N LEU A 15 12.65 4.91 22.99
CA LEU A 15 12.06 5.47 21.78
C LEU A 15 11.16 4.44 21.13
N ALA A 16 9.93 4.84 20.82
CA ALA A 16 8.98 3.94 20.18
C ALA A 16 9.46 3.63 18.77
N ASN A 17 9.10 2.45 18.28
CA ASN A 17 9.49 2.03 16.93
C ASN A 17 8.37 1.21 16.29
N PRO A 18 7.82 1.67 15.16
CA PRO A 18 8.18 2.90 14.44
C PRO A 18 7.62 4.18 15.05
N ARG A 19 8.17 5.30 14.59
CA ARG A 19 7.76 6.62 15.05
C ARG A 19 8.05 7.61 13.94
N GLY A 20 7.46 8.80 14.03
CA GLY A 20 7.73 9.83 13.04
C GLY A 20 7.20 9.66 11.63
N PHE A 21 7.84 10.35 10.70
CA PHE A 21 7.47 10.36 9.29
C PHE A 21 6.95 9.07 8.66
N CYS A 22 5.80 9.20 8.00
CA CYS A 22 5.19 8.09 7.27
C CYS A 22 5.51 8.41 5.82
N ALA A 23 5.09 7.54 4.90
CA ALA A 23 5.39 7.75 3.49
C ALA A 23 4.59 8.89 2.85
N GLY A 24 3.36 9.10 3.30
CA GLY A 24 2.56 10.17 2.73
C GLY A 24 3.08 11.55 3.10
N VAL A 25 3.55 11.69 4.33
CA VAL A 25 4.07 12.97 4.81
C VAL A 25 5.38 13.31 4.13
N ASP A 26 6.28 12.34 4.01
CA ASP A 26 7.55 12.61 3.37
C ASP A 26 7.31 13.05 1.93
N ARG A 27 6.37 12.41 1.26
CA ARG A 27 6.06 12.75 -0.12
C ARG A 27 5.46 14.15 -0.22
N ALA A 28 4.49 14.45 0.63
CA ALA A 28 3.83 15.75 0.62
C ALA A 28 4.81 16.91 0.82
N ILE A 29 5.68 16.78 1.82
CA ILE A 29 6.65 17.83 2.08
C ILE A 29 7.60 17.97 0.91
N SER A 30 8.00 16.85 0.32
CA SER A 30 8.92 16.87 -0.81
C SER A 30 8.28 17.56 -2.01
N ILE A 31 6.98 17.38 -2.16
CA ILE A 31 6.27 18.00 -3.28
C ILE A 31 6.34 19.53 -3.16
N VAL A 32 6.16 20.04 -1.95
CA VAL A 32 6.21 21.49 -1.74
C VAL A 32 7.65 21.99 -1.92
N GLU A 33 8.61 21.30 -1.30
CA GLU A 33 10.01 21.69 -1.42
C GLU A 33 10.48 21.69 -2.87
N ASN A 34 10.12 20.66 -3.62
CA ASN A 34 10.53 20.57 -5.02
C ASN A 34 9.86 21.65 -5.86
N ALA A 35 8.59 21.94 -5.57
CA ALA A 35 7.86 22.97 -6.30
C ALA A 35 8.56 24.30 -6.09
N LEU A 36 8.99 24.54 -4.86
CA LEU A 36 9.70 25.77 -4.52
C LEU A 36 11.03 25.84 -5.27
N ALA A 37 11.74 24.73 -5.33
CA ALA A 37 13.03 24.70 -6.01
C ALA A 37 12.91 24.87 -7.53
N ILE A 38 11.83 24.33 -8.09
CA ILE A 38 11.62 24.41 -9.53
C ILE A 38 11.00 25.72 -10.01
N TYR A 39 9.95 26.16 -9.35
CA TYR A 39 9.26 27.39 -9.73
C TYR A 39 9.60 28.60 -8.88
N GLY A 40 10.27 28.36 -7.76
CA GLY A 40 10.62 29.46 -6.87
C GLY A 40 9.40 29.95 -6.12
N ALA A 41 9.61 30.85 -5.16
CA ALA A 41 8.51 31.39 -4.38
C ALA A 41 7.71 32.40 -5.22
N PRO A 42 6.41 32.53 -4.95
CA PRO A 42 5.70 31.78 -3.92
C PRO A 42 4.98 30.56 -4.47
N ILE A 43 4.72 29.61 -3.58
CA ILE A 43 3.99 28.39 -3.94
C ILE A 43 2.82 28.34 -2.97
N TYR A 44 1.60 28.27 -3.48
CA TYR A 44 0.44 28.22 -2.61
C TYR A 44 0.09 26.79 -2.24
N VAL A 45 -0.31 26.60 -1.00
CA VAL A 45 -0.68 25.28 -0.50
C VAL A 45 -2.02 25.38 0.21
N ARG A 46 -2.97 24.53 -0.17
CA ARG A 46 -4.27 24.56 0.49
C ARG A 46 -4.18 23.76 1.78
N HIS A 47 -4.26 24.49 2.90
CA HIS A 47 -4.18 23.92 4.25
C HIS A 47 -2.72 23.56 4.53
N GLU A 48 -2.36 23.47 5.82
CA GLU A 48 -1.00 23.10 6.18
C GLU A 48 -0.71 21.81 5.42
N VAL A 49 0.42 21.74 4.74
CA VAL A 49 0.74 20.54 3.96
C VAL A 49 0.61 19.28 4.82
N VAL A 50 1.06 19.38 6.06
CA VAL A 50 0.96 18.29 7.04
C VAL A 50 0.75 19.04 8.34
N HIS A 51 0.11 18.41 9.32
CA HIS A 51 -0.15 19.09 10.58
C HIS A 51 1.04 19.15 11.54
N ASN A 52 2.07 19.89 11.14
CA ASN A 52 3.24 20.07 11.99
C ASN A 52 3.73 21.51 11.87
N ARG A 53 3.70 22.21 13.01
CA ARG A 53 4.11 23.60 13.07
C ARG A 53 5.52 23.85 12.53
N TYR A 54 6.47 23.02 12.92
CA TYR A 54 7.86 23.16 12.47
C TYR A 54 7.95 23.09 10.94
N VAL A 55 7.32 22.07 10.36
CA VAL A 55 7.34 21.90 8.91
C VAL A 55 6.68 23.09 8.21
N VAL A 56 5.51 23.49 8.70
CA VAL A 56 4.80 24.61 8.10
C VAL A 56 5.59 25.92 8.23
N ASP A 57 6.06 26.21 9.43
CA ASP A 57 6.84 27.43 9.67
C ASP A 57 8.06 27.48 8.77
N SER A 58 8.73 26.34 8.63
CA SER A 58 9.92 26.25 7.80
C SER A 58 9.60 26.51 6.33
N LEU A 59 8.54 25.88 5.83
CA LEU A 59 8.16 26.07 4.44
C LEU A 59 7.72 27.51 4.17
N ARG A 60 7.05 28.12 5.14
CA ARG A 60 6.59 29.49 4.99
C ARG A 60 7.80 30.40 4.83
N GLU A 61 8.84 30.13 5.61
CA GLU A 61 10.07 30.89 5.57
C GLU A 61 10.70 30.74 4.19
N ARG A 62 10.45 29.61 3.55
CA ARG A 62 10.99 29.32 2.23
C ARG A 62 10.16 29.88 1.07
N GLY A 63 8.99 30.46 1.37
CA GLY A 63 8.18 31.01 0.30
C GLY A 63 6.83 30.37 0.08
N ALA A 64 6.48 29.37 0.89
CA ALA A 64 5.20 28.71 0.75
C ALA A 64 4.15 29.54 1.47
N ILE A 65 2.99 29.71 0.84
CA ILE A 65 1.89 30.46 1.42
C ILE A 65 0.73 29.50 1.64
N PHE A 66 0.32 29.32 2.89
CA PHE A 66 -0.76 28.41 3.21
C PHE A 66 -2.11 29.11 3.34
N ILE A 67 -3.07 28.67 2.53
CA ILE A 67 -4.41 29.24 2.52
C ILE A 67 -5.46 28.15 2.73
N GLU A 68 -6.68 28.56 3.06
CA GLU A 68 -7.75 27.59 3.29
C GLU A 68 -8.73 27.52 2.12
N GLN A 69 -8.91 28.65 1.42
CA GLN A 69 -9.83 28.69 0.29
C GLN A 69 -9.12 29.08 -1.02
N ILE A 70 -9.58 28.50 -2.12
CA ILE A 70 -9.00 28.77 -3.43
C ILE A 70 -9.11 30.26 -3.79
N SER A 71 -10.11 30.93 -3.24
CA SER A 71 -10.31 32.35 -3.52
C SER A 71 -9.18 33.20 -2.93
N GLU A 72 -8.30 32.56 -2.17
CA GLU A 72 -7.16 33.26 -1.58
C GLU A 72 -5.94 33.14 -2.51
N VAL A 73 -6.09 32.33 -3.55
CA VAL A 73 -4.99 32.11 -4.50
C VAL A 73 -5.13 32.94 -5.77
N PRO A 74 -4.07 33.69 -6.12
CA PRO A 74 -4.04 34.53 -7.32
C PRO A 74 -4.03 33.71 -8.61
N ASP A 75 -4.49 34.30 -9.70
CA ASP A 75 -4.50 33.62 -10.98
C ASP A 75 -3.08 33.38 -11.46
N GLY A 76 -2.87 32.28 -12.16
CA GLY A 76 -1.55 31.95 -12.68
C GLY A 76 -0.60 31.39 -11.64
N ALA A 77 -1.07 31.29 -10.40
CA ALA A 77 -0.25 30.77 -9.32
C ALA A 77 -0.19 29.25 -9.32
N ILE A 78 0.74 28.72 -8.54
CA ILE A 78 0.90 27.27 -8.41
C ILE A 78 0.28 26.90 -7.07
N LEU A 79 -0.65 25.97 -7.10
CA LEU A 79 -1.33 25.53 -5.89
C LEU A 79 -1.11 24.05 -5.64
N ILE A 80 -0.89 23.70 -4.38
CA ILE A 80 -0.68 22.30 -4.01
C ILE A 80 -1.71 21.93 -2.95
N PHE A 81 -2.38 20.80 -3.14
CA PHE A 81 -3.37 20.34 -2.17
C PHE A 81 -2.58 19.61 -1.09
N SER A 82 -2.96 19.80 0.18
CA SER A 82 -2.23 19.15 1.28
C SER A 82 -2.42 17.63 1.28
N ALA A 83 -1.62 16.97 2.11
CA ALA A 83 -1.65 15.51 2.23
C ALA A 83 -3.01 14.98 2.68
N HIS A 84 -3.80 15.83 3.33
CA HIS A 84 -5.10 15.41 3.84
C HIS A 84 -6.18 15.27 2.79
N GLY A 85 -5.94 15.83 1.60
CA GLY A 85 -6.90 15.74 0.52
C GLY A 85 -7.90 16.88 0.47
N VAL A 86 -8.59 17.00 -0.65
CA VAL A 86 -9.60 18.05 -0.83
C VAL A 86 -10.85 17.50 -1.46
N SER A 87 -11.97 18.20 -1.25
CA SER A 87 -13.26 17.79 -1.80
C SER A 87 -13.27 18.02 -3.31
N GLN A 88 -14.26 17.45 -3.98
CA GLN A 88 -14.38 17.64 -5.42
C GLN A 88 -14.71 19.09 -5.72
N ALA A 89 -15.45 19.72 -4.81
CA ALA A 89 -15.83 21.13 -4.99
C ALA A 89 -14.56 21.99 -5.01
N VAL A 90 -13.66 21.72 -4.07
CA VAL A 90 -12.40 22.46 -4.01
C VAL A 90 -11.56 22.17 -5.25
N ARG A 91 -11.49 20.91 -5.65
CA ARG A 91 -10.71 20.51 -6.81
C ARG A 91 -11.26 21.13 -8.08
N ASN A 92 -12.58 21.18 -8.20
CA ASN A 92 -13.20 21.77 -9.37
C ASN A 92 -13.04 23.28 -9.38
N GLU A 93 -13.09 23.90 -8.21
CA GLU A 93 -12.93 25.34 -8.10
C GLU A 93 -11.54 25.72 -8.62
N ALA A 94 -10.55 24.92 -8.25
CA ALA A 94 -9.18 25.15 -8.68
C ALA A 94 -9.05 24.93 -10.18
N LYS A 95 -9.77 23.93 -10.70
CA LYS A 95 -9.74 23.61 -12.12
C LYS A 95 -10.35 24.73 -12.95
N SER A 96 -11.44 25.31 -12.45
CA SER A 96 -12.12 26.39 -13.15
C SER A 96 -11.28 27.66 -13.11
N ARG A 97 -10.33 27.72 -12.19
CA ARG A 97 -9.45 28.87 -12.05
C ARG A 97 -8.20 28.69 -12.91
N ASP A 98 -7.50 29.80 -13.13
CA ASP A 98 -6.27 29.78 -13.92
C ASP A 98 -5.14 29.43 -12.96
N LEU A 99 -5.03 28.15 -12.60
CA LEU A 99 -4.01 27.71 -11.66
C LEU A 99 -3.34 26.37 -12.03
N THR A 100 -2.05 26.28 -11.74
CA THR A 100 -1.30 25.06 -11.99
C THR A 100 -1.42 24.28 -10.68
N VAL A 101 -1.97 23.08 -10.74
CA VAL A 101 -2.17 22.28 -9.53
C VAL A 101 -1.35 21.00 -9.43
N PHE A 102 -0.82 20.76 -8.22
CA PHE A 102 -0.06 19.56 -7.91
C PHE A 102 -0.77 19.01 -6.68
N ASP A 103 -1.09 17.72 -6.72
CA ASP A 103 -1.81 17.08 -5.62
C ASP A 103 -0.91 16.29 -4.68
N ALA A 104 -0.75 16.76 -3.44
CA ALA A 104 0.08 16.04 -2.49
C ALA A 104 -0.75 15.12 -1.59
N THR A 105 -2.03 14.94 -1.94
CA THR A 105 -2.91 14.08 -1.15
C THR A 105 -2.23 12.73 -1.01
N CYS A 106 -2.21 12.18 0.19
CA CYS A 106 -1.58 10.88 0.37
C CYS A 106 -2.31 9.80 -0.43
N PRO A 107 -1.57 8.91 -1.10
CA PRO A 107 -2.20 7.84 -1.88
C PRO A 107 -3.23 7.04 -1.06
N LEU A 108 -2.97 6.87 0.23
CA LEU A 108 -3.88 6.12 1.10
C LEU A 108 -5.17 6.87 1.43
N VAL A 109 -5.15 8.19 1.25
CA VAL A 109 -6.34 8.99 1.48
C VAL A 109 -7.11 8.93 0.17
N THR A 110 -6.38 9.04 -0.94
CA THR A 110 -6.98 8.99 -2.27
C THR A 110 -7.73 7.67 -2.42
N LYS A 111 -7.16 6.60 -1.90
CA LYS A 111 -7.78 5.28 -1.97
C LYS A 111 -9.22 5.33 -1.43
N VAL A 112 -9.40 5.97 -0.27
CA VAL A 112 -10.72 6.08 0.33
C VAL A 112 -11.61 6.95 -0.55
N HIS A 113 -11.04 8.04 -1.08
CA HIS A 113 -11.76 8.95 -1.95
C HIS A 113 -12.44 8.20 -3.09
N MET A 114 -11.69 7.30 -3.72
CA MET A 114 -12.20 6.54 -4.85
C MET A 114 -13.39 5.66 -4.49
N GLU A 115 -13.36 5.08 -3.30
CA GLU A 115 -14.45 4.23 -2.86
C GLU A 115 -15.71 5.06 -2.66
N VAL A 116 -15.54 6.26 -2.12
CA VAL A 116 -16.68 7.15 -1.90
C VAL A 116 -17.26 7.59 -3.23
N ALA A 117 -16.38 7.94 -4.17
CA ALA A 117 -16.81 8.37 -5.50
C ALA A 117 -17.60 7.25 -6.17
N ARG A 118 -17.14 6.02 -5.98
CA ARG A 118 -17.80 4.85 -6.56
C ARG A 118 -19.21 4.71 -6.00
N ALA A 119 -19.35 4.85 -4.69
CA ALA A 119 -20.65 4.73 -4.05
C ALA A 119 -21.59 5.82 -4.56
N SER A 120 -21.05 7.03 -4.70
CA SER A 120 -21.84 8.16 -5.17
C SER A 120 -22.38 7.90 -6.57
N ARG A 121 -21.52 7.38 -7.45
CA ARG A 121 -21.94 7.09 -8.81
C ARG A 121 -23.08 6.08 -8.84
N ARG A 122 -23.04 5.13 -7.92
CA ARG A 122 -24.07 4.10 -7.83
C ARG A 122 -25.31 4.58 -7.09
N GLY A 123 -25.24 5.78 -6.54
CA GLY A 123 -26.38 6.32 -5.81
C GLY A 123 -26.65 5.57 -4.52
N GLU A 124 -25.65 4.83 -4.05
CA GLU A 124 -25.77 4.08 -2.80
C GLU A 124 -25.18 4.90 -1.67
N GLU A 125 -25.85 4.90 -0.53
CA GLU A 125 -25.41 5.66 0.63
C GLU A 125 -24.13 5.11 1.26
N SER A 126 -23.33 6.01 1.81
CA SER A 126 -22.08 5.66 2.45
C SER A 126 -21.98 6.34 3.80
N ILE A 127 -21.28 5.70 4.73
CA ILE A 127 -21.08 6.23 6.07
C ILE A 127 -19.59 6.32 6.32
N LEU A 128 -19.13 7.50 6.75
CA LEU A 128 -17.72 7.69 7.04
C LEU A 128 -17.51 7.77 8.54
N ILE A 129 -16.52 7.05 9.04
CA ILE A 129 -16.19 7.09 10.46
C ILE A 129 -15.03 8.08 10.51
N GLY A 130 -15.21 9.17 11.24
CA GLY A 130 -14.14 10.15 11.32
C GLY A 130 -14.52 11.26 12.27
N HIS A 131 -13.64 12.25 12.40
CA HIS A 131 -13.87 13.38 13.31
C HIS A 131 -14.31 14.63 12.54
N ALA A 132 -15.49 15.13 12.87
CA ALA A 132 -16.02 16.32 12.21
C ALA A 132 -15.03 17.47 12.25
N GLY A 133 -14.96 18.22 11.14
CA GLY A 133 -14.08 19.36 11.07
C GLY A 133 -12.67 19.08 10.57
N HIS A 134 -12.24 17.83 10.61
CA HIS A 134 -10.90 17.50 10.14
C HIS A 134 -10.85 17.62 8.62
N PRO A 135 -9.79 18.23 8.08
CA PRO A 135 -9.69 18.38 6.62
C PRO A 135 -9.85 17.09 5.84
N GLU A 136 -9.38 15.97 6.37
CA GLU A 136 -9.50 14.72 5.63
C GLU A 136 -10.97 14.30 5.53
N VAL A 137 -11.73 14.54 6.60
CA VAL A 137 -13.15 14.21 6.60
C VAL A 137 -13.87 15.09 5.59
N GLU A 138 -13.55 16.37 5.57
CA GLU A 138 -14.16 17.30 4.64
C GLU A 138 -13.89 16.89 3.20
N GLY A 139 -12.65 16.46 2.93
CA GLY A 139 -12.30 16.06 1.58
C GLY A 139 -12.94 14.76 1.15
N THR A 140 -13.00 13.80 2.07
CA THR A 140 -13.58 12.50 1.78
C THR A 140 -15.09 12.57 1.63
N MET A 141 -15.76 13.27 2.54
CA MET A 141 -17.20 13.40 2.42
C MET A 141 -17.49 14.22 1.17
N GLY A 142 -16.55 15.09 0.83
CA GLY A 142 -16.69 15.93 -0.34
C GLY A 142 -16.52 15.21 -1.66
N GLN A 143 -16.39 13.89 -1.61
CA GLN A 143 -16.25 13.10 -2.83
C GLN A 143 -17.63 12.56 -3.23
N TYR A 144 -18.59 12.70 -2.33
CA TYR A 144 -19.95 12.23 -2.59
C TYR A 144 -20.80 13.38 -3.09
N SER A 145 -21.45 13.21 -4.25
CA SER A 145 -22.26 14.28 -4.81
C SER A 145 -23.64 13.88 -5.28
N ASN A 146 -23.92 12.58 -5.35
CA ASN A 146 -25.22 12.11 -5.82
C ASN A 146 -26.34 12.39 -4.81
N PRO A 147 -27.26 13.30 -5.15
CA PRO A 147 -28.39 13.69 -4.29
C PRO A 147 -29.35 12.54 -3.97
N GLU A 148 -29.42 11.55 -4.86
CA GLU A 148 -30.31 10.42 -4.67
C GLU A 148 -29.81 9.46 -3.60
N GLY A 149 -28.53 9.56 -3.26
CA GLY A 149 -27.96 8.70 -2.24
C GLY A 149 -27.81 9.45 -0.93
N GLY A 150 -26.63 9.33 -0.32
CA GLY A 150 -26.39 10.01 0.95
C GLY A 150 -24.99 9.75 1.47
N MET A 151 -24.47 10.71 2.22
CA MET A 151 -23.13 10.61 2.81
C MET A 151 -23.26 11.05 4.26
N TYR A 152 -23.04 10.12 5.20
CA TYR A 152 -23.18 10.44 6.61
C TYR A 152 -21.90 10.25 7.40
N LEU A 153 -21.74 11.08 8.43
CA LEU A 153 -20.56 11.00 9.29
C LEU A 153 -20.91 10.53 10.70
N VAL A 154 -20.14 9.58 11.21
CA VAL A 154 -20.35 9.09 12.57
C VAL A 154 -18.99 9.05 13.26
N GLU A 155 -18.95 9.46 14.52
CA GLU A 155 -17.69 9.48 15.25
C GLU A 155 -17.62 8.45 16.37
N SER A 156 -18.77 7.95 16.78
CA SER A 156 -18.83 7.00 17.89
C SER A 156 -20.00 6.03 17.74
N PRO A 157 -20.08 5.03 18.62
CA PRO A 157 -21.19 4.07 18.55
C PRO A 157 -22.50 4.82 18.75
N ASP A 158 -22.47 5.82 19.63
CA ASP A 158 -23.67 6.60 19.89
C ASP A 158 -24.21 7.23 18.60
N ASP A 159 -23.30 7.75 17.77
CA ASP A 159 -23.71 8.35 16.51
C ASP A 159 -24.35 7.29 15.61
N VAL A 160 -23.85 6.07 15.69
CA VAL A 160 -24.39 4.98 14.89
C VAL A 160 -25.82 4.68 15.37
N TRP A 161 -25.96 4.63 16.70
CA TRP A 161 -27.25 4.33 17.33
C TRP A 161 -28.38 5.27 16.93
N LYS A 162 -28.06 6.48 16.47
CA LYS A 162 -29.11 7.40 16.08
C LYS A 162 -29.16 7.75 14.60
N LEU A 163 -28.40 7.02 13.79
CA LEU A 163 -28.36 7.28 12.36
C LEU A 163 -29.45 6.49 11.63
N THR A 164 -30.11 7.15 10.68
CA THR A 164 -31.13 6.51 9.87
C THR A 164 -30.76 6.75 8.42
N VAL A 165 -30.96 5.74 7.58
CA VAL A 165 -30.63 5.87 6.17
C VAL A 165 -31.84 5.57 5.28
N LYS A 166 -31.75 5.99 4.02
CA LYS A 166 -32.82 5.77 3.06
C LYS A 166 -33.01 4.28 2.75
N ASN A 167 -31.91 3.59 2.53
CA ASN A 167 -31.95 2.17 2.20
C ASN A 167 -30.73 1.43 2.76
N GLU A 168 -30.92 0.73 3.87
CA GLU A 168 -29.80 0.00 4.47
C GLU A 168 -29.44 -1.30 3.76
N GLU A 169 -30.11 -1.59 2.66
CA GLU A 169 -29.82 -2.80 1.89
C GLU A 169 -28.61 -2.50 0.99
N LYS A 170 -28.44 -1.22 0.67
CA LYS A 170 -27.35 -0.76 -0.17
C LYS A 170 -26.59 0.31 0.63
N LEU A 171 -25.71 -0.16 1.52
CA LEU A 171 -24.96 0.74 2.38
C LEU A 171 -23.51 0.29 2.51
N SER A 172 -22.59 1.26 2.51
CA SER A 172 -21.18 0.96 2.65
C SER A 172 -20.54 1.95 3.61
N PHE A 173 -19.36 1.59 4.12
CA PHE A 173 -18.68 2.49 5.04
C PHE A 173 -17.21 2.62 4.72
N MET A 174 -16.62 3.71 5.19
CA MET A 174 -15.21 4.01 4.99
C MET A 174 -14.76 4.69 6.27
N THR A 175 -13.46 4.84 6.47
CA THR A 175 -12.97 5.50 7.66
C THR A 175 -11.85 6.48 7.37
N GLN A 176 -11.59 7.33 8.36
CA GLN A 176 -10.52 8.29 8.29
C GLN A 176 -9.26 7.43 8.48
N THR A 177 -8.14 7.86 7.90
CA THR A 177 -6.90 7.09 7.96
C THR A 177 -6.13 7.17 9.28
N THR A 178 -6.43 8.17 10.10
CA THR A 178 -5.67 8.36 11.34
C THR A 178 -6.40 8.14 12.65
N LEU A 179 -7.46 7.33 12.63
CA LEU A 179 -8.23 7.10 13.84
C LEU A 179 -7.62 6.08 14.79
N SER A 180 -8.20 6.02 15.98
CA SER A 180 -7.79 5.05 16.99
C SER A 180 -8.26 3.70 16.47
N VAL A 181 -7.35 2.75 16.34
CA VAL A 181 -7.73 1.43 15.85
C VAL A 181 -8.81 0.80 16.74
N ASP A 182 -8.61 0.88 18.06
CA ASP A 182 -9.58 0.30 18.99
C ASP A 182 -10.95 0.97 18.96
N ASP A 183 -10.99 2.29 19.02
CA ASP A 183 -12.26 3.02 19.00
C ASP A 183 -13.01 2.76 17.70
N THR A 184 -12.29 2.76 16.59
CA THR A 184 -12.91 2.52 15.30
C THR A 184 -13.52 1.14 15.23
N SER A 185 -12.84 0.17 15.82
CA SER A 185 -13.34 -1.20 15.83
C SER A 185 -14.71 -1.24 16.51
N ASP A 186 -14.86 -0.45 17.58
CA ASP A 186 -16.12 -0.40 18.30
C ASP A 186 -17.23 0.24 17.47
N VAL A 187 -16.87 1.24 16.67
CA VAL A 187 -17.86 1.91 15.84
C VAL A 187 -18.32 0.94 14.75
N ILE A 188 -17.38 0.21 14.17
CA ILE A 188 -17.71 -0.75 13.13
C ILE A 188 -18.60 -1.87 13.67
N ASP A 189 -18.32 -2.32 14.89
CA ASP A 189 -19.13 -3.37 15.50
C ASP A 189 -20.56 -2.87 15.61
N ALA A 190 -20.71 -1.61 16.00
CA ALA A 190 -22.02 -0.99 16.15
C ALA A 190 -22.70 -0.91 14.78
N LEU A 191 -21.96 -0.48 13.77
CA LEU A 191 -22.50 -0.38 12.41
C LEU A 191 -23.04 -1.70 11.89
N ARG A 192 -22.29 -2.77 12.12
CA ARG A 192 -22.73 -4.09 11.64
C ARG A 192 -23.90 -4.66 12.43
N LYS A 193 -24.07 -4.18 13.66
CA LYS A 193 -25.17 -4.63 14.51
C LYS A 193 -26.43 -3.87 14.09
N ARG A 194 -26.23 -2.63 13.70
CA ARG A 194 -27.32 -1.75 13.26
C ARG A 194 -27.73 -2.00 11.81
N PHE A 195 -26.75 -2.18 10.94
CA PHE A 195 -27.00 -2.41 9.52
C PHE A 195 -26.26 -3.69 9.10
N PRO A 196 -26.83 -4.86 9.41
CA PRO A 196 -26.21 -6.13 9.06
C PRO A 196 -25.78 -6.33 7.60
N LYS A 197 -26.37 -5.58 6.67
CA LYS A 197 -26.02 -5.71 5.26
C LYS A 197 -24.96 -4.71 4.78
N ILE A 198 -24.47 -3.89 5.70
CA ILE A 198 -23.47 -2.89 5.33
C ILE A 198 -22.17 -3.53 4.86
N VAL A 199 -21.55 -2.94 3.85
CA VAL A 199 -20.30 -3.46 3.30
C VAL A 199 -19.17 -2.45 3.45
N GLY A 200 -17.96 -2.96 3.56
CA GLY A 200 -16.80 -2.09 3.70
C GLY A 200 -15.53 -2.89 3.61
N PRO A 201 -14.40 -2.34 4.07
CA PRO A 201 -13.13 -3.05 4.01
C PRO A 201 -13.13 -4.18 5.04
N ARG A 202 -12.11 -5.02 5.02
CA ARG A 202 -12.04 -6.12 5.99
C ARG A 202 -12.11 -5.61 7.42
N LYS A 203 -11.33 -4.57 7.69
CA LYS A 203 -11.28 -4.01 9.04
C LYS A 203 -11.62 -2.52 9.05
N ASP A 204 -10.80 -1.73 8.36
CA ASP A 204 -11.01 -0.29 8.31
C ASP A 204 -10.11 0.33 7.23
N ASP A 205 -10.09 1.66 7.17
CA ASP A 205 -9.26 2.37 6.22
C ASP A 205 -8.11 3.06 6.93
N ILE A 206 -7.88 2.68 8.18
CA ILE A 206 -6.78 3.25 8.95
C ILE A 206 -5.49 2.76 8.29
N CYS A 207 -4.60 3.69 7.99
CA CYS A 207 -3.37 3.34 7.28
C CYS A 207 -2.33 2.57 8.11
N TYR A 208 -1.38 1.97 7.41
CA TYR A 208 -0.32 1.18 8.03
C TYR A 208 0.46 2.00 9.08
N ALA A 209 0.76 3.25 8.76
CA ALA A 209 1.52 4.11 9.64
C ALA A 209 0.80 4.36 10.95
N THR A 210 -0.51 4.60 10.87
CA THR A 210 -1.31 4.85 12.07
C THR A 210 -1.37 3.58 12.92
N THR A 211 -1.68 2.46 12.28
CA THR A 211 -1.75 1.19 12.99
C THR A 211 -0.42 0.86 13.65
N ASN A 212 0.67 1.02 12.91
CA ASN A 212 2.01 0.72 13.42
C ASN A 212 2.45 1.62 14.59
N ARG A 213 2.17 2.91 14.50
CA ARG A 213 2.57 3.80 15.58
C ARG A 213 1.76 3.57 16.84
N GLN A 214 0.50 3.17 16.68
CA GLN A 214 -0.32 2.91 17.85
C GLN A 214 0.15 1.62 18.53
N GLU A 215 0.55 0.65 17.71
CA GLU A 215 1.05 -0.62 18.24
C GLU A 215 2.34 -0.31 18.98
N ALA A 216 3.15 0.55 18.38
CA ALA A 216 4.44 0.93 18.95
C ALA A 216 4.34 1.72 20.25
N VAL A 217 3.37 2.63 20.34
CA VAL A 217 3.24 3.42 21.56
C VAL A 217 2.65 2.58 22.69
N ARG A 218 1.89 1.55 22.33
CA ARG A 218 1.33 0.67 23.34
C ARG A 218 2.48 -0.08 24.02
N ALA A 219 3.42 -0.55 23.20
CA ALA A 219 4.58 -1.26 23.69
C ALA A 219 5.46 -0.34 24.55
N LEU A 220 5.61 0.89 24.09
CA LEU A 220 6.40 1.89 24.80
C LEU A 220 5.80 2.18 26.17
N ALA A 221 4.48 2.35 26.19
CA ALA A 221 3.75 2.67 27.41
C ALA A 221 3.81 1.60 28.51
N GLU A 222 3.96 0.34 28.15
CA GLU A 222 4.02 -0.69 29.17
C GLU A 222 5.40 -0.78 29.80
N GLN A 223 6.27 0.15 29.42
CA GLN A 223 7.62 0.22 29.96
C GLN A 223 7.91 1.59 30.55
N ALA A 224 7.40 2.64 29.91
CA ALA A 224 7.62 4.00 30.37
C ALA A 224 6.52 4.46 31.33
N GLU A 225 6.89 5.35 32.25
CA GLU A 225 5.96 5.89 33.23
C GLU A 225 5.32 7.14 32.63
N VAL A 226 6.09 7.81 31.77
CA VAL A 226 5.63 9.01 31.10
C VAL A 226 5.96 8.89 29.63
N VAL A 227 5.05 9.37 28.78
CA VAL A 227 5.26 9.29 27.34
C VAL A 227 5.15 10.67 26.72
N LEU A 228 6.12 11.02 25.89
CA LEU A 228 6.10 12.30 25.21
C LEU A 228 5.86 12.02 23.74
N VAL A 229 4.82 12.64 23.19
CA VAL A 229 4.51 12.45 21.78
C VAL A 229 4.85 13.74 21.02
N VAL A 230 5.82 13.65 20.13
CA VAL A 230 6.21 14.82 19.35
C VAL A 230 5.19 14.96 18.22
N GLY A 231 4.47 16.08 18.22
CA GLY A 231 3.46 16.30 17.21
C GLY A 231 2.67 17.54 17.55
N SER A 232 2.05 18.16 16.54
CA SER A 232 1.27 19.36 16.75
C SER A 232 -0.14 19.08 17.24
N LYS A 233 -0.74 20.09 17.89
CA LYS A 233 -2.08 19.96 18.44
C LYS A 233 -3.17 19.60 17.45
N ASN A 234 -2.98 19.94 16.18
CA ASN A 234 -4.00 19.65 15.19
C ASN A 234 -3.74 18.38 14.40
N SER A 235 -2.77 17.60 14.85
CA SER A 235 -2.44 16.34 14.19
C SER A 235 -3.30 15.22 14.79
N SER A 236 -4.22 14.70 14.00
CA SER A 236 -5.10 13.63 14.46
C SER A 236 -4.32 12.41 14.94
N ASN A 237 -3.47 11.88 14.08
CA ASN A 237 -2.71 10.69 14.44
C ASN A 237 -1.84 10.91 15.68
N SER A 238 -1.27 12.11 15.80
CA SER A 238 -0.44 12.39 16.96
C SER A 238 -1.27 12.36 18.24
N ASN A 239 -2.44 12.97 18.19
CA ASN A 239 -3.34 13.00 19.34
C ASN A 239 -3.73 11.60 19.75
N ARG A 240 -3.95 10.72 18.78
CA ARG A 240 -4.33 9.35 19.10
C ARG A 240 -3.22 8.61 19.84
N LEU A 241 -1.96 8.96 19.55
CA LEU A 241 -0.84 8.32 20.21
C LEU A 241 -0.80 8.69 21.69
N ALA A 242 -0.96 9.98 21.98
CA ALA A 242 -0.97 10.48 23.35
C ALA A 242 -2.13 9.88 24.13
N GLU A 243 -3.29 9.86 23.48
CA GLU A 243 -4.51 9.33 24.06
C GLU A 243 -4.36 7.86 24.44
N LEU A 244 -3.77 7.07 23.55
CA LEU A 244 -3.57 5.66 23.80
C LEU A 244 -2.72 5.44 25.06
N ALA A 245 -1.66 6.23 25.22
CA ALA A 245 -0.80 6.10 26.39
C ALA A 245 -1.52 6.54 27.66
N GLN A 246 -2.32 7.60 27.54
CA GLN A 246 -3.07 8.12 28.68
C GLN A 246 -4.10 7.11 29.16
N ARG A 247 -4.69 6.37 28.23
CA ARG A 247 -5.69 5.37 28.57
C ARG A 247 -5.05 4.20 29.31
N MET A 248 -3.74 4.04 29.14
CA MET A 248 -3.01 2.98 29.80
C MET A 248 -2.52 3.42 31.18
N GLY A 249 -2.97 4.60 31.59
CA GLY A 249 -2.59 5.12 32.90
C GLY A 249 -1.26 5.84 32.99
N LYS A 250 -0.70 6.23 31.85
CA LYS A 250 0.58 6.93 31.84
C LYS A 250 0.40 8.39 31.49
N ARG A 251 1.09 9.28 32.20
CA ARG A 251 1.00 10.70 31.89
C ARG A 251 1.61 10.81 30.50
N ALA A 252 0.86 11.36 29.56
CA ALA A 252 1.35 11.52 28.20
C ALA A 252 1.14 12.95 27.77
N PHE A 253 2.14 13.52 27.10
CA PHE A 253 2.04 14.90 26.65
C PHE A 253 2.35 15.04 25.17
N LEU A 254 1.54 15.83 24.48
CA LEU A 254 1.72 16.10 23.06
C LEU A 254 2.52 17.40 23.03
N ILE A 255 3.71 17.36 22.44
CA ILE A 255 4.56 18.55 22.37
C ILE A 255 5.11 18.82 20.98
N ASP A 256 5.31 20.09 20.66
CA ASP A 256 5.85 20.49 19.36
C ASP A 256 7.36 20.43 19.31
N ASP A 257 7.99 20.74 20.45
CA ASP A 257 9.44 20.71 20.53
C ASP A 257 9.93 20.59 21.96
N ALA A 258 11.24 20.41 22.10
CA ALA A 258 11.87 20.25 23.41
C ALA A 258 11.55 21.38 24.39
N LYS A 259 11.25 22.56 23.86
CA LYS A 259 10.94 23.72 24.70
C LYS A 259 9.67 23.54 25.51
N ASP A 260 8.77 22.67 25.05
CA ASP A 260 7.51 22.45 25.75
C ASP A 260 7.63 21.52 26.96
N ILE A 261 8.76 20.83 27.08
CA ILE A 261 8.96 19.90 28.18
C ILE A 261 9.12 20.63 29.52
N GLN A 262 8.28 20.25 30.48
CA GLN A 262 8.33 20.85 31.81
C GLN A 262 9.05 19.88 32.73
N GLU A 263 9.95 20.40 33.55
CA GLU A 263 10.73 19.58 34.48
C GLU A 263 9.88 18.63 35.31
N GLU A 264 8.78 19.14 35.85
CA GLU A 264 7.92 18.33 36.71
C GLU A 264 7.42 17.06 36.04
N TRP A 265 7.28 17.08 34.72
CA TRP A 265 6.80 15.91 33.99
C TRP A 265 7.70 14.69 34.17
N VAL A 266 9.01 14.91 34.22
CA VAL A 266 9.96 13.82 34.38
C VAL A 266 10.63 13.83 35.74
N LYS A 267 10.04 14.60 36.66
CA LYS A 267 10.52 14.72 38.02
C LYS A 267 10.56 13.34 38.69
N GLU A 268 11.75 12.88 39.05
CA GLU A 268 11.92 11.58 39.69
C GLU A 268 11.36 10.41 38.89
N VAL A 269 11.33 10.55 37.56
CA VAL A 269 10.84 9.49 36.69
C VAL A 269 12.01 8.60 36.31
N LYS A 270 11.85 7.29 36.43
CA LYS A 270 12.93 6.36 36.10
C LYS A 270 12.95 5.92 34.64
N CYS A 271 11.82 6.08 33.96
CA CYS A 271 11.75 5.70 32.55
C CYS A 271 10.74 6.54 31.79
N VAL A 272 11.24 7.31 30.83
CA VAL A 272 10.39 8.16 30.00
C VAL A 272 10.45 7.62 28.58
N GLY A 273 9.29 7.60 27.92
CA GLY A 273 9.25 7.12 26.55
C GLY A 273 8.97 8.25 25.59
N VAL A 274 9.54 8.17 24.39
CA VAL A 274 9.34 9.21 23.40
C VAL A 274 8.92 8.63 22.06
N THR A 275 7.93 9.23 21.44
CA THR A 275 7.49 8.79 20.12
C THR A 275 7.16 10.04 19.33
N ALA A 276 6.75 9.88 18.09
CA ALA A 276 6.41 11.02 17.25
C ALA A 276 5.32 10.67 16.26
N GLY A 277 4.45 11.64 16.00
CA GLY A 277 3.38 11.44 15.04
C GLY A 277 3.95 11.33 13.63
N ALA A 278 3.12 10.89 12.70
CA ALA A 278 3.53 10.70 11.30
C ALA A 278 3.96 11.98 10.61
N SER A 279 3.63 13.13 11.18
CA SER A 279 3.98 14.41 10.57
C SER A 279 5.15 15.14 11.25
N ALA A 280 5.75 14.51 12.26
CA ALA A 280 6.85 15.13 13.02
C ALA A 280 8.25 14.73 12.57
N PRO A 281 9.06 15.71 12.12
CA PRO A 281 10.44 15.48 11.65
C PRO A 281 11.33 14.89 12.75
N ASP A 282 12.24 14.01 12.36
CA ASP A 282 13.13 13.37 13.32
C ASP A 282 13.99 14.37 14.10
N ILE A 283 14.34 15.48 13.47
CA ILE A 283 15.17 16.46 14.16
C ILE A 283 14.49 16.94 15.45
N LEU A 284 13.16 16.98 15.44
CA LEU A 284 12.44 17.40 16.63
C LEU A 284 12.61 16.37 17.75
N VAL A 285 12.61 15.09 17.37
CA VAL A 285 12.77 14.02 18.34
C VAL A 285 14.18 14.07 18.91
N GLN A 286 15.16 14.32 18.04
CA GLN A 286 16.54 14.38 18.47
C GLN A 286 16.73 15.51 19.49
N ASN A 287 16.05 16.64 19.26
CA ASN A 287 16.16 17.74 20.21
C ASN A 287 15.45 17.44 21.52
N VAL A 288 14.37 16.67 21.44
CA VAL A 288 13.63 16.30 22.64
C VAL A 288 14.49 15.36 23.48
N VAL A 289 15.20 14.45 22.83
CA VAL A 289 16.06 13.51 23.53
C VAL A 289 17.18 14.29 24.21
N ALA A 290 17.75 15.26 23.50
CA ALA A 290 18.84 16.05 24.05
C ALA A 290 18.37 16.80 25.31
N ARG A 291 17.15 17.30 25.27
CA ARG A 291 16.61 18.01 26.42
C ARG A 291 16.42 17.04 27.58
N LEU A 292 15.85 15.88 27.31
CA LEU A 292 15.64 14.88 28.36
C LEU A 292 16.97 14.48 28.99
N GLN A 293 18.03 14.47 28.18
CA GLN A 293 19.35 14.12 28.68
C GLN A 293 19.87 15.22 29.60
N GLN A 294 19.49 16.47 29.31
CA GLN A 294 19.90 17.58 30.15
C GLN A 294 19.16 17.46 31.48
N LEU A 295 18.02 16.77 31.44
CA LEU A 295 17.20 16.56 32.62
C LEU A 295 17.51 15.26 33.35
N GLY A 296 18.65 14.66 33.02
CA GLY A 296 19.04 13.43 33.70
C GLY A 296 18.92 12.13 32.93
N GLY A 297 18.38 12.18 31.72
CA GLY A 297 18.24 10.96 30.94
C GLY A 297 19.55 10.48 30.34
N GLY A 298 19.65 9.16 30.14
CA GLY A 298 20.85 8.60 29.56
C GLY A 298 20.72 8.46 28.06
N GLU A 299 21.46 7.53 27.47
CA GLU A 299 21.39 7.33 26.02
C GLU A 299 20.00 6.80 25.65
N ALA A 300 19.46 7.32 24.55
CA ALA A 300 18.15 6.91 24.09
C ALA A 300 18.19 5.49 23.54
N ILE A 301 17.27 4.65 24.03
CA ILE A 301 17.21 3.26 23.59
C ILE A 301 16.01 2.99 22.70
N PRO A 302 16.25 2.68 21.42
CA PRO A 302 15.14 2.39 20.50
C PRO A 302 14.59 0.99 20.77
N LEU A 303 13.27 0.89 20.92
CA LEU A 303 12.67 -0.41 21.17
C LEU A 303 12.59 -1.18 19.85
N GLU A 304 12.49 -2.51 19.94
CA GLU A 304 12.40 -3.30 18.73
C GLU A 304 10.99 -3.11 18.19
N GLY A 305 10.85 -3.03 16.88
CA GLY A 305 9.53 -2.83 16.32
C GLY A 305 9.33 -3.29 14.90
N ARG A 306 8.10 -3.15 14.43
CA ARG A 306 7.71 -3.52 13.07
C ARG A 306 8.45 -2.62 12.10
N GLU A 307 9.22 -3.21 11.20
CA GLU A 307 9.95 -2.42 10.22
C GLU A 307 8.99 -1.96 9.13
N GLU A 308 9.15 -0.72 8.69
CA GLU A 308 8.31 -0.18 7.63
C GLU A 308 9.18 -0.02 6.39
N ASN A 309 8.62 -0.31 5.23
CA ASN A 309 9.40 -0.21 4.00
C ASN A 309 8.67 0.51 2.86
N ILE A 310 7.55 1.15 3.16
CA ILE A 310 6.81 1.84 2.11
C ILE A 310 7.34 3.24 1.85
N VAL A 311 7.43 3.61 0.58
CA VAL A 311 7.87 4.93 0.15
C VAL A 311 6.94 5.36 -0.99
N PHE A 312 6.51 6.62 -0.97
CA PHE A 312 5.65 7.14 -2.03
C PHE A 312 6.47 8.22 -2.75
N GLU A 313 6.71 8.02 -4.04
CA GLU A 313 7.50 8.97 -4.84
C GLU A 313 6.71 10.20 -5.25
N VAL A 314 7.42 11.31 -5.45
CA VAL A 314 6.76 12.54 -5.87
C VAL A 314 6.46 12.38 -7.35
N PRO A 315 5.47 13.13 -7.87
CA PRO A 315 5.16 12.98 -9.29
C PRO A 315 6.39 13.34 -10.13
N LYS A 316 6.59 12.60 -11.22
CA LYS A 316 7.74 12.83 -12.10
C LYS A 316 7.84 14.30 -12.47
N GLU A 317 6.70 14.97 -12.55
CA GLU A 317 6.61 16.37 -12.92
C GLU A 317 7.27 17.30 -11.89
N LEU A 318 7.65 16.75 -10.74
CA LEU A 318 8.28 17.54 -9.70
C LEU A 318 9.62 17.01 -9.23
N ARG A 319 10.28 16.20 -10.05
CA ARG A 319 11.58 15.66 -9.70
C ARG A 319 12.65 16.72 -9.88
N MET B 11 6.31 0.69 -39.56
CA MET B 11 5.60 0.06 -38.40
C MET B 11 5.74 0.90 -37.14
N GLN B 12 4.62 1.22 -36.52
CA GLN B 12 4.63 2.02 -35.30
C GLN B 12 4.77 1.14 -34.06
N ILE B 13 5.63 1.56 -33.14
CA ILE B 13 5.87 0.84 -31.91
C ILE B 13 5.24 1.60 -30.74
N LEU B 14 4.32 0.95 -30.03
CA LEU B 14 3.68 1.59 -28.89
C LEU B 14 4.08 0.85 -27.62
N LEU B 15 4.29 1.59 -26.54
CA LEU B 15 4.68 0.98 -25.27
C LEU B 15 3.58 1.20 -24.24
N ALA B 16 3.18 0.12 -23.58
CA ALA B 16 2.13 0.21 -22.56
C ALA B 16 2.66 0.93 -21.33
N ASN B 17 1.77 1.61 -20.61
CA ASN B 17 2.18 2.32 -19.42
C ASN B 17 1.06 2.32 -18.38
N PRO B 18 1.35 1.79 -17.18
CA PRO B 18 2.64 1.23 -16.76
C PRO B 18 2.93 -0.14 -17.35
N ARG B 19 4.19 -0.56 -17.18
CA ARG B 19 4.66 -1.86 -17.67
C ARG B 19 5.89 -2.24 -16.86
N GLY B 20 6.26 -3.51 -16.90
CA GLY B 20 7.46 -3.94 -16.19
C GLY B 20 7.42 -3.96 -14.68
N PHE B 21 8.61 -3.86 -14.09
CA PHE B 21 8.80 -3.90 -12.64
C PHE B 21 7.79 -3.21 -11.75
N CYS B 22 7.31 -3.96 -10.77
CA CYS B 22 6.38 -3.46 -9.77
C CYS B 22 7.28 -3.25 -8.55
N ALA B 23 6.72 -2.72 -7.47
CA ALA B 23 7.51 -2.46 -6.27
C ALA B 23 7.97 -3.72 -5.55
N GLY B 24 7.15 -4.77 -5.60
CA GLY B 24 7.51 -6.01 -4.94
C GLY B 24 8.69 -6.70 -5.60
N VAL B 25 8.70 -6.73 -6.93
CA VAL B 25 9.78 -7.37 -7.67
C VAL B 25 11.09 -6.61 -7.54
N ASP B 26 11.03 -5.28 -7.64
CA ASP B 26 12.23 -4.48 -7.52
C ASP B 26 12.86 -4.75 -6.15
N ARG B 27 12.04 -4.82 -5.12
CA ARG B 27 12.55 -5.09 -3.78
C ARG B 27 13.14 -6.49 -3.66
N ALA B 28 12.42 -7.49 -4.15
CA ALA B 28 12.89 -8.87 -4.08
C ALA B 28 14.24 -9.08 -4.75
N ILE B 29 14.38 -8.55 -5.97
CA ILE B 29 15.64 -8.69 -6.69
C ILE B 29 16.75 -7.96 -5.95
N SER B 30 16.44 -6.78 -5.44
CA SER B 30 17.43 -6.01 -4.71
C SER B 30 17.92 -6.74 -3.46
N ILE B 31 17.02 -7.49 -2.83
CA ILE B 31 17.38 -8.24 -1.63
C ILE B 31 18.44 -9.28 -1.96
N VAL B 32 18.25 -9.99 -3.07
CA VAL B 32 19.21 -11.00 -3.49
C VAL B 32 20.53 -10.35 -3.93
N GLU B 33 20.42 -9.29 -4.74
CA GLU B 33 21.62 -8.60 -5.22
C GLU B 33 22.44 -8.02 -4.08
N ASN B 34 21.78 -7.37 -3.12
CA ASN B 34 22.48 -6.78 -1.99
C ASN B 34 23.07 -7.84 -1.05
N ALA B 35 22.36 -8.95 -0.86
CA ALA B 35 22.86 -10.01 -0.01
C ALA B 35 24.16 -10.53 -0.61
N LEU B 36 24.18 -10.65 -1.94
CA LEU B 36 25.37 -11.12 -2.65
C LEU B 36 26.52 -10.12 -2.50
N ALA B 37 26.19 -8.84 -2.66
CA ALA B 37 27.18 -7.78 -2.56
C ALA B 37 27.78 -7.67 -1.16
N ILE B 38 26.94 -7.86 -0.15
CA ILE B 38 27.36 -7.76 1.24
C ILE B 38 28.06 -9.01 1.79
N TYR B 39 27.42 -10.16 1.61
CA TYR B 39 27.95 -11.42 2.12
C TYR B 39 28.73 -12.25 1.10
N GLY B 40 28.58 -11.91 -0.18
CA GLY B 40 29.25 -12.65 -1.23
C GLY B 40 28.54 -13.95 -1.53
N ALA B 41 28.98 -14.64 -2.58
CA ALA B 41 28.38 -15.91 -2.96
C ALA B 41 28.92 -17.01 -2.07
N PRO B 42 28.12 -18.06 -1.82
CA PRO B 42 26.77 -18.22 -2.34
C PRO B 42 25.66 -17.68 -1.45
N ILE B 43 24.52 -17.36 -2.06
CA ILE B 43 23.33 -16.91 -1.35
C ILE B 43 22.25 -17.85 -1.86
N TYR B 44 21.58 -18.55 -0.94
CA TYR B 44 20.54 -19.49 -1.33
C TYR B 44 19.16 -18.84 -1.40
N VAL B 45 18.40 -19.19 -2.44
CA VAL B 45 17.06 -18.65 -2.62
C VAL B 45 16.08 -19.78 -2.84
N ARG B 46 15.03 -19.82 -2.03
CA ARG B 46 14.01 -20.86 -2.17
C ARG B 46 13.09 -20.50 -3.32
N HIS B 47 13.14 -21.29 -4.39
CA HIS B 47 12.32 -21.06 -5.58
C HIS B 47 12.83 -19.82 -6.30
N GLU B 48 12.43 -19.65 -7.56
CA GLU B 48 12.85 -18.48 -8.33
C GLU B 48 12.41 -17.23 -7.56
N VAL B 49 13.32 -16.29 -7.36
CA VAL B 49 12.97 -15.09 -6.60
C VAL B 49 11.74 -14.40 -7.21
N VAL B 50 11.69 -14.41 -8.55
CA VAL B 50 10.57 -13.86 -9.31
C VAL B 50 10.49 -14.75 -10.55
N HIS B 51 9.33 -14.83 -11.17
CA HIS B 51 9.16 -15.68 -12.34
C HIS B 51 9.64 -15.08 -13.64
N ASN B 52 10.96 -14.90 -13.73
CA ASN B 52 11.57 -14.37 -14.95
C ASN B 52 12.90 -15.07 -15.20
N ARG B 53 12.99 -15.73 -16.34
CA ARG B 53 14.19 -16.47 -16.73
C ARG B 53 15.45 -15.64 -16.74
N TYR B 54 15.39 -14.44 -17.30
CA TYR B 54 16.54 -13.55 -17.38
C TYR B 54 17.04 -13.14 -15.99
N VAL B 55 16.11 -12.76 -15.12
CA VAL B 55 16.49 -12.35 -13.78
C VAL B 55 17.13 -13.50 -13.01
N VAL B 56 16.51 -14.68 -13.08
CA VAL B 56 17.04 -15.85 -12.38
C VAL B 56 18.41 -16.27 -12.91
N ASP B 57 18.54 -16.29 -14.24
CA ASP B 57 19.81 -16.65 -14.87
C ASP B 57 20.92 -15.69 -14.48
N SER B 58 20.59 -14.40 -14.45
CA SER B 58 21.57 -13.37 -14.08
C SER B 58 22.03 -13.54 -12.65
N LEU B 59 21.07 -13.70 -11.73
CA LEU B 59 21.42 -13.88 -10.33
C LEU B 59 22.24 -15.15 -10.12
N ARG B 60 21.91 -16.19 -10.88
CA ARG B 60 22.65 -17.45 -10.77
C ARG B 60 24.09 -17.21 -11.21
N GLU B 61 24.27 -16.44 -12.27
CA GLU B 61 25.59 -16.13 -12.79
C GLU B 61 26.38 -15.30 -11.78
N ARG B 62 25.66 -14.64 -10.88
CA ARG B 62 26.28 -13.81 -9.85
C ARG B 62 26.56 -14.57 -8.55
N GLY B 63 26.11 -15.82 -8.47
CA GLY B 63 26.37 -16.59 -7.27
C GLY B 63 25.17 -17.05 -6.47
N ALA B 64 23.96 -16.72 -6.92
CA ALA B 64 22.76 -17.15 -6.20
C ALA B 64 22.47 -18.60 -6.58
N ILE B 65 22.10 -19.41 -5.59
CA ILE B 65 21.76 -20.81 -5.82
C ILE B 65 20.28 -20.98 -5.51
N PHE B 66 19.50 -21.34 -6.52
CA PHE B 66 18.07 -21.53 -6.32
C PHE B 66 17.80 -22.99 -5.97
N ILE B 67 17.13 -23.19 -4.84
CA ILE B 67 16.82 -24.53 -4.37
C ILE B 67 15.31 -24.72 -4.17
N GLU B 68 14.88 -25.97 -4.03
CA GLU B 68 13.46 -26.26 -3.85
C GLU B 68 13.04 -26.45 -2.41
N GLN B 69 13.91 -27.06 -1.60
CA GLN B 69 13.61 -27.28 -0.19
C GLN B 69 14.71 -26.73 0.71
N ILE B 70 14.30 -26.21 1.86
CA ILE B 70 15.24 -25.63 2.82
C ILE B 70 16.27 -26.66 3.26
N SER B 71 15.93 -27.93 3.14
CA SER B 71 16.84 -28.99 3.55
C SER B 71 18.08 -29.07 2.65
N GLU B 72 18.03 -28.37 1.52
CA GLU B 72 19.13 -28.36 0.56
C GLU B 72 20.14 -27.27 0.95
N VAL B 73 19.75 -26.40 1.88
CA VAL B 73 20.62 -25.32 2.32
C VAL B 73 21.47 -25.71 3.53
N PRO B 74 22.79 -25.50 3.43
CA PRO B 74 23.75 -25.82 4.51
C PRO B 74 23.64 -24.86 5.69
N ASP B 75 23.98 -25.34 6.89
CA ASP B 75 23.94 -24.52 8.07
C ASP B 75 24.90 -23.34 7.93
N GLY B 76 24.57 -22.22 8.57
CA GLY B 76 25.41 -21.05 8.50
C GLY B 76 25.25 -20.23 7.24
N ALA B 77 24.40 -20.69 6.32
CA ALA B 77 24.19 -19.98 5.07
C ALA B 77 23.12 -18.89 5.16
N ILE B 78 23.01 -18.13 4.07
CA ILE B 78 22.04 -17.06 3.95
C ILE B 78 20.93 -17.58 3.04
N LEU B 79 19.69 -17.52 3.51
CA LEU B 79 18.56 -18.00 2.72
C LEU B 79 17.57 -16.88 2.49
N ILE B 80 17.01 -16.82 1.28
CA ILE B 80 16.05 -15.79 0.92
C ILE B 80 14.74 -16.41 0.43
N PHE B 81 13.62 -15.96 0.97
CA PHE B 81 12.32 -16.46 0.52
C PHE B 81 11.95 -15.64 -0.70
N SER B 82 11.33 -16.26 -1.70
CA SER B 82 10.97 -15.56 -2.93
C SER B 82 9.84 -14.56 -2.71
N ALA B 83 9.64 -13.70 -3.70
CA ALA B 83 8.61 -12.67 -3.63
C ALA B 83 7.20 -13.22 -3.53
N HIS B 84 7.03 -14.48 -3.94
CA HIS B 84 5.72 -15.10 -3.93
C HIS B 84 5.23 -15.55 -2.57
N GLY B 85 6.14 -15.58 -1.60
CA GLY B 85 5.79 -15.96 -0.25
C GLY B 85 5.93 -17.44 0.04
N VAL B 86 5.90 -17.78 1.32
CA VAL B 86 6.04 -19.18 1.73
C VAL B 86 5.02 -19.52 2.82
N SER B 87 4.78 -20.81 3.01
CA SER B 87 3.84 -21.28 4.02
C SER B 87 4.46 -21.14 5.41
N GLN B 88 3.64 -21.25 6.44
CA GLN B 88 4.14 -21.17 7.81
C GLN B 88 5.06 -22.35 8.08
N ALA B 89 4.73 -23.49 7.48
CA ALA B 89 5.55 -24.69 7.64
C ALA B 89 6.96 -24.44 7.14
N VAL B 90 7.08 -23.78 6.00
CA VAL B 90 8.40 -23.48 5.45
C VAL B 90 9.10 -22.43 6.31
N ARG B 91 8.35 -21.43 6.75
CA ARG B 91 8.93 -20.38 7.58
C ARG B 91 9.45 -20.96 8.90
N ASN B 92 8.68 -21.84 9.51
CA ASN B 92 9.08 -22.46 10.76
C ASN B 92 10.28 -23.39 10.59
N GLU B 93 10.37 -24.04 9.43
CA GLU B 93 11.48 -24.93 9.16
C GLU B 93 12.77 -24.12 9.12
N ALA B 94 12.70 -22.96 8.46
CA ALA B 94 13.86 -22.08 8.34
C ALA B 94 14.23 -21.50 9.70
N LYS B 95 13.23 -21.15 10.49
CA LYS B 95 13.46 -20.57 11.81
C LYS B 95 14.17 -21.52 12.76
N SER B 96 13.89 -22.82 12.64
CA SER B 96 14.50 -23.81 13.51
C SER B 96 15.91 -24.19 13.02
N ARG B 97 16.25 -23.75 11.81
CA ARG B 97 17.55 -24.04 11.22
C ARG B 97 18.59 -22.97 11.57
N ASP B 98 19.86 -23.34 11.45
CA ASP B 98 20.96 -22.41 11.74
C ASP B 98 21.22 -21.64 10.45
N LEU B 99 20.28 -20.76 10.09
CA LEU B 99 20.39 -19.98 8.88
C LEU B 99 20.02 -18.53 9.10
N THR B 100 20.54 -17.65 8.25
CA THR B 100 20.22 -16.23 8.31
C THR B 100 19.19 -16.08 7.21
N VAL B 101 17.97 -15.72 7.59
CA VAL B 101 16.89 -15.59 6.62
C VAL B 101 16.45 -14.17 6.31
N PHE B 102 16.30 -13.89 5.02
CA PHE B 102 15.81 -12.59 4.55
C PHE B 102 14.56 -12.92 3.76
N ASP B 103 13.45 -12.29 4.11
CA ASP B 103 12.18 -12.55 3.44
C ASP B 103 11.87 -11.55 2.34
N ALA B 104 11.96 -11.98 1.08
CA ALA B 104 11.67 -11.08 -0.02
C ALA B 104 10.21 -11.14 -0.44
N THR B 105 9.37 -11.77 0.37
CA THR B 105 7.94 -11.84 0.07
C THR B 105 7.43 -10.42 -0.12
N CYS B 106 6.64 -10.21 -1.17
CA CYS B 106 6.11 -8.87 -1.39
C CYS B 106 5.14 -8.51 -0.27
N PRO B 107 5.23 -7.26 0.24
CA PRO B 107 4.34 -6.81 1.31
C PRO B 107 2.86 -7.02 0.99
N LEU B 108 2.51 -6.93 -0.29
CA LEU B 108 1.13 -7.10 -0.70
C LEU B 108 0.66 -8.55 -0.67
N VAL B 109 1.62 -9.47 -0.62
CA VAL B 109 1.29 -10.89 -0.52
C VAL B 109 1.18 -11.15 0.97
N THR B 110 2.12 -10.58 1.73
CA THR B 110 2.13 -10.74 3.18
C THR B 110 0.79 -10.25 3.73
N LYS B 111 0.25 -9.19 3.13
CA LYS B 111 -1.03 -8.64 3.55
C LYS B 111 -2.12 -9.71 3.54
N VAL B 112 -2.18 -10.48 2.45
CA VAL B 112 -3.17 -11.54 2.33
C VAL B 112 -2.87 -12.65 3.34
N HIS B 113 -1.59 -12.96 3.51
CA HIS B 113 -1.17 -13.99 4.46
C HIS B 113 -1.74 -13.68 5.84
N MET B 114 -1.67 -12.40 6.22
CA MET B 114 -2.15 -11.96 7.52
C MET B 114 -3.64 -12.24 7.73
N GLU B 115 -4.44 -12.01 6.69
CA GLU B 115 -5.87 -12.26 6.79
C GLU B 115 -6.20 -13.74 6.90
N VAL B 116 -5.42 -14.58 6.22
CA VAL B 116 -5.65 -16.02 6.29
C VAL B 116 -5.31 -16.54 7.68
N ALA B 117 -4.21 -16.03 8.24
CA ALA B 117 -3.78 -16.45 9.57
C ALA B 117 -4.83 -16.03 10.59
N ARG B 118 -5.43 -14.86 10.36
CA ARG B 118 -6.46 -14.32 11.24
C ARG B 118 -7.66 -15.27 11.23
N ALA B 119 -8.08 -15.69 10.05
CA ALA B 119 -9.22 -16.60 9.93
C ALA B 119 -8.92 -17.94 10.60
N SER B 120 -7.72 -18.46 10.39
CA SER B 120 -7.31 -19.73 10.97
C SER B 120 -7.38 -19.65 12.50
N ARG B 121 -6.94 -18.52 13.03
CA ARG B 121 -6.94 -18.29 14.47
C ARG B 121 -8.37 -18.38 15.00
N ARG B 122 -9.29 -17.73 14.31
CA ARG B 122 -10.69 -17.72 14.70
C ARG B 122 -11.38 -19.03 14.37
N GLY B 123 -10.70 -19.88 13.61
CA GLY B 123 -11.28 -21.16 13.24
C GLY B 123 -12.39 -21.06 12.22
N GLU B 124 -12.46 -19.92 11.52
CA GLU B 124 -13.49 -19.73 10.50
C GLU B 124 -12.92 -20.11 9.15
N GLU B 125 -13.73 -20.78 8.33
CA GLU B 125 -13.28 -21.21 7.01
C GLU B 125 -13.00 -20.05 6.07
N SER B 126 -12.04 -20.26 5.19
CA SER B 126 -11.63 -19.26 4.21
C SER B 126 -11.56 -19.87 2.83
N ILE B 127 -11.89 -19.06 1.82
CA ILE B 127 -11.86 -19.49 0.42
C ILE B 127 -10.87 -18.60 -0.30
N LEU B 128 -9.91 -19.22 -0.98
CA LEU B 128 -8.90 -18.47 -1.73
C LEU B 128 -9.20 -18.60 -3.21
N ILE B 129 -9.22 -17.48 -3.93
CA ILE B 129 -9.44 -17.53 -5.37
C ILE B 129 -8.04 -17.49 -5.95
N GLY B 130 -7.66 -18.54 -6.67
CA GLY B 130 -6.33 -18.59 -7.26
C GLY B 130 -6.12 -19.81 -8.13
N HIS B 131 -4.91 -19.94 -8.66
CA HIS B 131 -4.59 -21.07 -9.53
C HIS B 131 -3.77 -22.13 -8.83
N ALA B 132 -4.28 -23.36 -8.83
CA ALA B 132 -3.59 -24.47 -8.17
C ALA B 132 -2.17 -24.63 -8.70
N GLY B 133 -1.24 -24.92 -7.79
CA GLY B 133 0.14 -25.12 -8.18
C GLY B 133 1.04 -23.89 -8.10
N HIS B 134 0.43 -22.70 -8.11
CA HIS B 134 1.23 -21.49 -8.05
C HIS B 134 1.83 -21.34 -6.66
N PRO B 135 3.11 -20.94 -6.57
CA PRO B 135 3.78 -20.78 -5.28
C PRO B 135 3.05 -19.82 -4.34
N GLU B 136 2.44 -18.78 -4.88
CA GLU B 136 1.74 -17.84 -4.02
C GLU B 136 0.54 -18.54 -3.36
N VAL B 137 -0.15 -19.37 -4.14
CA VAL B 137 -1.30 -20.10 -3.60
C VAL B 137 -0.85 -21.07 -2.51
N GLU B 138 0.28 -21.74 -2.75
CA GLU B 138 0.82 -22.68 -1.77
C GLU B 138 1.14 -21.95 -0.48
N GLY B 139 1.81 -20.82 -0.60
CA GLY B 139 2.18 -20.04 0.58
C GLY B 139 0.99 -19.46 1.32
N THR B 140 0.00 -18.96 0.59
CA THR B 140 -1.18 -18.36 1.21
C THR B 140 -2.07 -19.41 1.88
N MET B 141 -2.32 -20.52 1.20
CA MET B 141 -3.13 -21.56 1.82
C MET B 141 -2.35 -22.13 2.99
N GLY B 142 -1.02 -22.03 2.89
CA GLY B 142 -0.14 -22.53 3.93
C GLY B 142 -0.13 -21.68 5.19
N GLN B 143 -0.97 -20.65 5.24
CA GLN B 143 -1.07 -19.80 6.41
C GLN B 143 -2.23 -20.29 7.30
N TYR B 144 -3.02 -21.21 6.77
CA TYR B 144 -4.16 -21.75 7.51
C TYR B 144 -3.75 -23.05 8.18
N SER B 145 -3.93 -23.15 9.49
CA SER B 145 -3.53 -24.36 10.21
C SER B 145 -4.62 -24.98 11.08
N ASN B 146 -5.58 -24.16 11.52
CA ASN B 146 -6.65 -24.65 12.38
C ASN B 146 -7.46 -25.79 11.78
N PRO B 147 -7.34 -26.99 12.35
CA PRO B 147 -8.05 -28.18 11.88
C PRO B 147 -9.57 -28.06 12.00
N GLU B 148 -10.03 -27.27 12.96
CA GLU B 148 -11.45 -27.08 13.19
C GLU B 148 -12.10 -26.22 12.12
N GLY B 149 -11.27 -25.54 11.33
CA GLY B 149 -11.79 -24.70 10.26
C GLY B 149 -11.61 -25.37 8.92
N GLY B 150 -11.16 -24.60 7.94
CA GLY B 150 -10.95 -25.14 6.60
C GLY B 150 -10.44 -24.08 5.66
N MET B 151 -9.63 -24.49 4.69
CA MET B 151 -9.04 -23.60 3.70
C MET B 151 -9.31 -24.22 2.33
N TYR B 152 -10.11 -23.54 1.52
CA TYR B 152 -10.46 -24.07 0.21
C TYR B 152 -10.00 -23.18 -0.94
N LEU B 153 -9.71 -23.81 -2.08
CA LEU B 153 -9.26 -23.10 -3.26
C LEU B 153 -10.29 -23.21 -4.38
N VAL B 154 -10.62 -22.08 -4.99
CA VAL B 154 -11.55 -22.06 -6.12
C VAL B 154 -10.92 -21.24 -7.25
N GLU B 155 -11.13 -21.69 -8.48
CA GLU B 155 -10.56 -21.00 -9.63
C GLU B 155 -11.61 -20.41 -10.55
N SER B 156 -12.83 -20.91 -10.46
CA SER B 156 -13.90 -20.44 -11.34
C SER B 156 -15.27 -20.43 -10.67
N PRO B 157 -16.26 -19.80 -11.32
CA PRO B 157 -17.60 -19.75 -10.73
C PRO B 157 -18.08 -21.19 -10.52
N ASP B 158 -17.74 -22.07 -11.46
CA ASP B 158 -18.13 -23.48 -11.38
C ASP B 158 -17.60 -24.10 -10.08
N ASP B 159 -16.36 -23.79 -9.72
CA ASP B 159 -15.79 -24.34 -8.49
C ASP B 159 -16.57 -23.86 -7.28
N VAL B 160 -17.11 -22.65 -7.37
CA VAL B 160 -17.89 -22.08 -6.28
C VAL B 160 -19.20 -22.84 -6.13
N TRP B 161 -19.85 -23.13 -7.26
CA TRP B 161 -21.12 -23.85 -7.27
C TRP B 161 -21.02 -25.23 -6.61
N LYS B 162 -19.87 -25.89 -6.79
CA LYS B 162 -19.66 -27.24 -6.26
C LYS B 162 -19.02 -27.31 -4.88
N LEU B 163 -18.59 -26.18 -4.34
CA LEU B 163 -17.94 -26.16 -3.04
C LEU B 163 -18.83 -26.48 -1.84
N THR B 164 -18.29 -27.27 -0.92
CA THR B 164 -19.00 -27.66 0.29
C THR B 164 -18.20 -27.18 1.51
N VAL B 165 -18.82 -26.38 2.36
CA VAL B 165 -18.16 -25.86 3.55
C VAL B 165 -18.89 -26.31 4.81
N LYS B 166 -18.20 -26.23 5.94
CA LYS B 166 -18.77 -26.63 7.24
C LYS B 166 -19.80 -25.64 7.77
N ASN B 167 -19.46 -24.36 7.73
CA ASN B 167 -20.36 -23.33 8.23
C ASN B 167 -20.35 -22.10 7.32
N GLU B 168 -21.41 -21.92 6.55
CA GLU B 168 -21.52 -20.80 5.63
C GLU B 168 -21.78 -19.48 6.35
N GLU B 169 -22.08 -19.56 7.64
CA GLU B 169 -22.35 -18.35 8.42
C GLU B 169 -21.06 -17.63 8.77
N LYS B 170 -19.96 -18.39 8.86
CA LYS B 170 -18.66 -17.85 9.20
C LYS B 170 -17.68 -18.19 8.08
N LEU B 171 -17.69 -17.39 7.02
CA LEU B 171 -16.85 -17.64 5.86
C LEU B 171 -16.21 -16.35 5.36
N SER B 172 -14.97 -16.46 4.88
CA SER B 172 -14.25 -15.31 4.35
C SER B 172 -13.49 -15.74 3.11
N PHE B 173 -13.14 -14.77 2.26
CA PHE B 173 -12.39 -15.09 1.07
C PHE B 173 -11.21 -14.14 0.85
N MET B 174 -10.24 -14.61 0.09
CA MET B 174 -9.04 -13.86 -0.24
C MET B 174 -8.75 -14.22 -1.69
N THR B 175 -7.83 -13.50 -2.32
CA THR B 175 -7.48 -13.82 -3.70
C THR B 175 -5.98 -13.72 -3.93
N GLN B 176 -5.55 -14.33 -5.04
CA GLN B 176 -4.16 -14.30 -5.45
C GLN B 176 -3.99 -12.86 -5.95
N THR B 177 -2.77 -12.34 -5.85
CA THR B 177 -2.51 -10.95 -6.24
C THR B 177 -2.37 -10.64 -7.72
N THR B 178 -2.14 -11.67 -8.53
CA THR B 178 -1.92 -11.49 -9.96
C THR B 178 -2.97 -12.02 -10.92
N LEU B 179 -4.20 -12.17 -10.45
CA LEU B 179 -5.27 -12.70 -11.28
C LEU B 179 -5.87 -11.70 -12.25
N SER B 180 -6.68 -12.22 -13.17
CA SER B 180 -7.39 -11.38 -14.12
C SER B 180 -8.44 -10.64 -13.30
N VAL B 181 -8.46 -9.32 -13.38
CA VAL B 181 -9.43 -8.55 -12.63
C VAL B 181 -10.86 -8.92 -13.02
N ASP B 182 -11.11 -9.01 -14.32
CA ASP B 182 -12.44 -9.37 -14.80
C ASP B 182 -12.90 -10.77 -14.42
N ASP B 183 -12.03 -11.76 -14.60
CA ASP B 183 -12.38 -13.13 -14.26
C ASP B 183 -12.62 -13.30 -12.76
N THR B 184 -11.78 -12.67 -11.95
CA THR B 184 -11.93 -12.75 -10.49
C THR B 184 -13.25 -12.12 -10.07
N SER B 185 -13.66 -11.06 -10.77
CA SER B 185 -14.90 -10.39 -10.46
C SER B 185 -16.05 -11.38 -10.59
N ASP B 186 -15.99 -12.22 -11.61
CA ASP B 186 -17.00 -13.25 -11.88
C ASP B 186 -17.06 -14.27 -10.75
N VAL B 187 -15.88 -14.68 -10.27
CA VAL B 187 -15.82 -15.67 -9.19
C VAL B 187 -16.39 -15.07 -7.91
N ILE B 188 -16.07 -13.80 -7.65
CA ILE B 188 -16.55 -13.14 -6.45
C ILE B 188 -18.06 -12.96 -6.50
N ASP B 189 -18.60 -12.65 -7.67
CA ASP B 189 -20.04 -12.49 -7.83
C ASP B 189 -20.71 -13.81 -7.45
N ALA B 190 -20.10 -14.91 -7.90
CA ALA B 190 -20.61 -16.24 -7.61
C ALA B 190 -20.53 -16.57 -6.12
N LEU B 191 -19.43 -16.16 -5.50
CA LEU B 191 -19.24 -16.41 -4.07
C LEU B 191 -20.31 -15.70 -3.23
N ARG B 192 -20.60 -14.45 -3.57
CA ARG B 192 -21.60 -13.69 -2.81
C ARG B 192 -23.02 -14.15 -3.08
N LYS B 193 -23.23 -14.75 -4.25
CA LYS B 193 -24.54 -15.26 -4.64
C LYS B 193 -24.77 -16.59 -3.91
N ARG B 194 -23.70 -17.37 -3.80
CA ARG B 194 -23.76 -18.68 -3.15
C ARG B 194 -23.68 -18.58 -1.63
N PHE B 195 -22.80 -17.72 -1.13
CA PHE B 195 -22.63 -17.53 0.30
C PHE B 195 -22.88 -16.05 0.63
N PRO B 196 -24.15 -15.66 0.71
CA PRO B 196 -24.50 -14.27 1.00
C PRO B 196 -23.88 -13.64 2.25
N LYS B 197 -23.42 -14.45 3.19
CA LYS B 197 -22.81 -13.92 4.40
C LYS B 197 -21.28 -13.95 4.40
N ILE B 198 -20.70 -14.28 3.25
CA ILE B 198 -19.24 -14.34 3.14
C ILE B 198 -18.62 -12.95 3.26
N VAL B 199 -17.49 -12.86 3.93
CA VAL B 199 -16.80 -11.58 4.12
C VAL B 199 -15.47 -11.57 3.39
N GLY B 200 -15.08 -10.39 2.92
CA GLY B 200 -13.83 -10.26 2.21
C GLY B 200 -13.49 -8.79 2.01
N PRO B 201 -12.49 -8.49 1.16
CA PRO B 201 -12.12 -7.10 0.92
C PRO B 201 -13.22 -6.43 0.11
N ARG B 202 -13.10 -5.12 -0.12
CA ARG B 202 -14.12 -4.41 -0.90
C ARG B 202 -14.30 -5.07 -2.26
N LYS B 203 -13.19 -5.35 -2.92
CA LYS B 203 -13.23 -5.95 -4.24
C LYS B 203 -12.45 -7.27 -4.28
N ASP B 204 -11.13 -7.17 -4.24
CA ASP B 204 -10.29 -8.36 -4.29
C ASP B 204 -8.94 -8.04 -3.67
N ASP B 205 -7.99 -8.99 -3.78
CA ASP B 205 -6.65 -8.77 -3.25
C ASP B 205 -5.67 -8.58 -4.40
N ILE B 206 -6.20 -8.36 -5.60
CA ILE B 206 -5.36 -8.13 -6.76
C ILE B 206 -4.61 -6.83 -6.49
N CYS B 207 -3.29 -6.87 -6.62
CA CYS B 207 -2.49 -5.69 -6.32
C CYS B 207 -2.61 -4.57 -7.35
N TYR B 208 -2.15 -3.39 -6.96
CA TYR B 208 -2.19 -2.22 -7.83
C TYR B 208 -1.45 -2.45 -9.14
N ALA B 209 -0.30 -3.12 -9.06
CA ALA B 209 0.52 -3.38 -10.24
C ALA B 209 -0.22 -4.22 -11.27
N THR B 210 -0.89 -5.26 -10.80
CA THR B 210 -1.64 -6.15 -11.67
C THR B 210 -2.82 -5.40 -12.29
N THR B 211 -3.56 -4.69 -11.46
CA THR B 211 -4.70 -3.92 -11.95
C THR B 211 -4.24 -2.90 -12.99
N ASN B 212 -3.18 -2.16 -12.67
CA ASN B 212 -2.65 -1.13 -13.57
C ASN B 212 -2.11 -1.67 -14.90
N ARG B 213 -1.42 -2.79 -14.85
CA ARG B 213 -0.86 -3.36 -16.08
C ARG B 213 -1.94 -3.90 -16.98
N GLN B 214 -3.01 -4.43 -16.39
CA GLN B 214 -4.11 -4.94 -17.18
C GLN B 214 -4.86 -3.77 -17.79
N GLU B 215 -5.00 -2.69 -17.04
CA GLU B 215 -5.67 -1.49 -17.54
C GLU B 215 -4.84 -0.93 -18.69
N ALA B 216 -3.52 -0.93 -18.52
CA ALA B 216 -2.60 -0.42 -19.52
C ALA B 216 -2.57 -1.24 -20.80
N VAL B 217 -2.60 -2.57 -20.70
CA VAL B 217 -2.55 -3.38 -21.89
C VAL B 217 -3.88 -3.29 -22.65
N ARG B 218 -4.96 -3.02 -21.91
CA ARG B 218 -6.27 -2.88 -22.54
C ARG B 218 -6.20 -1.67 -23.47
N ALA B 219 -5.62 -0.58 -22.98
CA ALA B 219 -5.49 0.64 -23.77
C ALA B 219 -4.53 0.42 -24.95
N LEU B 220 -3.51 -0.40 -24.73
CA LEU B 220 -2.54 -0.69 -25.78
C LEU B 220 -3.17 -1.51 -26.89
N ALA B 221 -3.89 -2.56 -26.50
CA ALA B 221 -4.55 -3.45 -27.46
C ALA B 221 -5.58 -2.72 -28.33
N GLU B 222 -6.05 -1.57 -27.85
CA GLU B 222 -7.03 -0.79 -28.61
C GLU B 222 -6.41 -0.13 -29.83
N GLN B 223 -5.09 0.02 -29.82
CA GLN B 223 -4.40 0.66 -30.93
C GLN B 223 -3.51 -0.32 -31.70
N ALA B 224 -2.89 -1.23 -30.98
CA ALA B 224 -2.00 -2.21 -31.59
C ALA B 224 -2.74 -3.39 -32.21
N GLU B 225 -2.15 -3.94 -33.27
CA GLU B 225 -2.72 -5.09 -33.97
C GLU B 225 -2.09 -6.34 -33.37
N VAL B 226 -0.85 -6.20 -32.93
CA VAL B 226 -0.13 -7.30 -32.30
C VAL B 226 0.45 -6.80 -30.99
N VAL B 227 0.41 -7.64 -29.95
CA VAL B 227 0.94 -7.25 -28.66
C VAL B 227 1.97 -8.24 -28.16
N LEU B 228 3.16 -7.74 -27.86
CA LEU B 228 4.23 -8.57 -27.32
C LEU B 228 4.28 -8.31 -25.83
N VAL B 229 4.27 -9.38 -25.04
CA VAL B 229 4.32 -9.25 -23.60
C VAL B 229 5.62 -9.89 -23.14
N VAL B 230 6.51 -9.09 -22.59
CA VAL B 230 7.78 -9.62 -22.11
C VAL B 230 7.55 -10.26 -20.75
N GLY B 231 7.80 -11.55 -20.67
CA GLY B 231 7.61 -12.29 -19.43
C GLY B 231 7.79 -13.77 -19.65
N SER B 232 8.05 -14.50 -18.57
CA SER B 232 8.26 -15.93 -18.65
C SER B 232 6.95 -16.71 -18.61
N LYS B 233 6.99 -17.94 -19.09
CA LYS B 233 5.83 -18.80 -19.13
C LYS B 233 5.21 -19.11 -17.77
N ASN B 234 6.00 -19.04 -16.71
CA ASN B 234 5.48 -19.35 -15.39
C ASN B 234 5.09 -18.10 -14.60
N SER B 235 5.05 -16.96 -15.28
CA SER B 235 4.66 -15.71 -14.63
C SER B 235 3.15 -15.53 -14.78
N SER B 236 2.42 -15.64 -13.67
CA SER B 236 0.98 -15.52 -13.71
C SER B 236 0.53 -14.16 -14.26
N ASN B 237 1.03 -13.08 -13.67
CA ASN B 237 0.61 -11.76 -14.12
C ASN B 237 0.96 -11.52 -15.59
N SER B 238 2.09 -12.04 -16.04
CA SER B 238 2.49 -11.85 -17.44
C SER B 238 1.49 -12.55 -18.35
N ASN B 239 1.13 -13.78 -18.02
CA ASN B 239 0.16 -14.53 -18.82
C ASN B 239 -1.18 -13.81 -18.88
N ARG B 240 -1.59 -13.17 -17.79
CA ARG B 240 -2.86 -12.46 -17.80
C ARG B 240 -2.83 -11.27 -18.75
N LEU B 241 -1.66 -10.66 -18.94
CA LEU B 241 -1.56 -9.54 -19.86
C LEU B 241 -1.72 -10.02 -21.29
N ALA B 242 -1.07 -11.12 -21.63
CA ALA B 242 -1.16 -11.68 -22.97
C ALA B 242 -2.61 -12.13 -23.21
N GLU B 243 -3.18 -12.76 -22.19
CA GLU B 243 -4.55 -13.26 -22.26
C GLU B 243 -5.55 -12.13 -22.53
N LEU B 244 -5.38 -11.02 -21.83
CA LEU B 244 -6.28 -9.87 -21.97
C LEU B 244 -6.23 -9.30 -23.39
N ALA B 245 -5.04 -9.23 -23.97
CA ALA B 245 -4.88 -8.70 -25.31
C ALA B 245 -5.50 -9.65 -26.33
N GLN B 246 -5.27 -10.94 -26.13
CA GLN B 246 -5.82 -11.96 -27.03
C GLN B 246 -7.34 -11.97 -26.98
N ARG B 247 -7.91 -11.77 -25.80
CA ARG B 247 -9.35 -11.77 -25.65
C ARG B 247 -9.98 -10.54 -26.28
N MET B 248 -9.16 -9.53 -26.58
CA MET B 248 -9.66 -8.32 -27.22
C MET B 248 -9.57 -8.44 -28.75
N GLY B 249 -9.17 -9.61 -29.21
CA GLY B 249 -9.09 -9.85 -30.64
C GLY B 249 -7.76 -9.51 -31.28
N LYS B 250 -6.71 -9.35 -30.47
CA LYS B 250 -5.40 -9.04 -31.00
C LYS B 250 -4.44 -10.22 -30.84
N ARG B 251 -3.54 -10.39 -31.79
CA ARG B 251 -2.57 -11.47 -31.71
C ARG B 251 -1.55 -11.08 -30.64
N ALA B 252 -1.49 -11.86 -29.58
CA ALA B 252 -0.58 -11.58 -28.48
C ALA B 252 0.46 -12.68 -28.32
N PHE B 253 1.68 -12.30 -27.94
CA PHE B 253 2.76 -13.25 -27.75
C PHE B 253 3.49 -13.03 -26.43
N LEU B 254 3.66 -14.11 -25.66
CA LEU B 254 4.41 -14.01 -24.42
C LEU B 254 5.83 -14.42 -24.78
N ILE B 255 6.78 -13.51 -24.59
CA ILE B 255 8.17 -13.77 -24.93
C ILE B 255 9.14 -13.47 -23.80
N ASP B 256 10.19 -14.27 -23.70
CA ASP B 256 11.20 -14.05 -22.67
C ASP B 256 12.16 -12.93 -23.06
N ASP B 257 12.47 -12.85 -24.35
CA ASP B 257 13.37 -11.81 -24.84
C ASP B 257 13.26 -11.59 -26.35
N ALA B 258 13.94 -10.57 -26.84
CA ALA B 258 13.91 -10.22 -28.26
C ALA B 258 14.17 -11.39 -29.20
N LYS B 259 15.01 -12.32 -28.76
CA LYS B 259 15.36 -13.49 -29.58
C LYS B 259 14.17 -14.35 -29.96
N ASP B 260 13.09 -14.29 -29.17
CA ASP B 260 11.91 -15.09 -29.45
C ASP B 260 11.03 -14.53 -30.58
N ILE B 261 11.20 -13.25 -30.89
CA ILE B 261 10.41 -12.61 -31.93
C ILE B 261 10.64 -13.19 -33.32
N GLN B 262 9.55 -13.60 -33.97
CA GLN B 262 9.61 -14.17 -35.31
C GLN B 262 9.16 -13.10 -36.30
N GLU B 263 9.92 -12.96 -37.40
CA GLU B 263 9.62 -11.98 -38.43
C GLU B 263 8.15 -12.03 -38.85
N GLU B 264 7.65 -13.24 -39.09
CA GLU B 264 6.27 -13.44 -39.51
C GLU B 264 5.24 -12.83 -38.57
N TRP B 265 5.56 -12.78 -37.28
CA TRP B 265 4.63 -12.22 -36.30
C TRP B 265 4.28 -10.77 -36.59
N VAL B 266 5.25 -10.00 -37.09
CA VAL B 266 5.02 -8.59 -37.35
C VAL B 266 5.10 -8.12 -38.79
N LYS B 267 5.28 -9.03 -39.74
CA LYS B 267 5.37 -8.61 -41.14
C LYS B 267 4.06 -7.96 -41.58
N GLU B 268 4.18 -6.80 -42.22
CA GLU B 268 3.02 -6.07 -42.72
C GLU B 268 2.18 -5.42 -41.62
N VAL B 269 2.54 -5.68 -40.37
CA VAL B 269 1.81 -5.10 -39.24
C VAL B 269 2.07 -3.61 -39.19
N LYS B 270 1.00 -2.82 -39.08
CA LYS B 270 1.13 -1.37 -39.04
C LYS B 270 1.43 -0.83 -37.64
N CYS B 271 0.89 -1.49 -36.62
CA CYS B 271 1.10 -1.06 -35.25
C CYS B 271 1.30 -2.23 -34.30
N VAL B 272 2.45 -2.27 -33.65
CA VAL B 272 2.75 -3.33 -32.69
C VAL B 272 2.93 -2.73 -31.31
N GLY B 273 2.28 -3.34 -30.32
CA GLY B 273 2.38 -2.83 -28.96
C GLY B 273 3.26 -3.73 -28.12
N VAL B 274 3.97 -3.12 -27.18
CA VAL B 274 4.85 -3.85 -26.29
C VAL B 274 4.57 -3.51 -24.83
N THR B 275 4.55 -4.55 -24.00
CA THR B 275 4.38 -4.35 -22.56
C THR B 275 5.23 -5.41 -21.89
N ALA B 276 5.24 -5.41 -20.56
CA ALA B 276 6.04 -6.37 -19.83
C ALA B 276 5.39 -6.68 -18.49
N GLY B 277 5.51 -7.93 -18.07
CA GLY B 277 4.95 -8.33 -16.78
C GLY B 277 5.73 -7.70 -15.65
N ALA B 278 5.20 -7.79 -14.44
CA ALA B 278 5.82 -7.19 -13.26
C ALA B 278 7.21 -7.70 -12.91
N SER B 279 7.60 -8.85 -13.46
CA SER B 279 8.89 -9.44 -13.17
C SER B 279 9.92 -9.31 -14.29
N ALA B 280 9.58 -8.59 -15.34
CA ALA B 280 10.48 -8.41 -16.48
C ALA B 280 11.26 -7.09 -16.47
N PRO B 281 12.61 -7.16 -16.46
CA PRO B 281 13.48 -5.99 -16.45
C PRO B 281 13.29 -5.11 -17.68
N ASP B 282 13.48 -3.81 -17.52
CA ASP B 282 13.30 -2.88 -18.61
C ASP B 282 14.28 -3.11 -19.76
N ILE B 283 15.47 -3.61 -19.45
CA ILE B 283 16.46 -3.84 -20.51
C ILE B 283 15.91 -4.80 -21.56
N LEU B 284 15.09 -5.76 -21.11
CA LEU B 284 14.51 -6.72 -22.04
C LEU B 284 13.55 -6.00 -22.98
N VAL B 285 12.82 -5.02 -22.44
CA VAL B 285 11.89 -4.26 -23.27
C VAL B 285 12.67 -3.43 -24.27
N GLN B 286 13.76 -2.82 -23.80
CA GLN B 286 14.57 -2.00 -24.68
C GLN B 286 15.11 -2.84 -25.84
N ASN B 287 15.55 -4.06 -25.53
CA ASN B 287 16.09 -4.96 -26.56
C ASN B 287 15.00 -5.39 -27.53
N VAL B 288 13.79 -5.58 -27.02
CA VAL B 288 12.67 -5.97 -27.89
C VAL B 288 12.39 -4.84 -28.86
N VAL B 289 12.36 -3.61 -28.35
CA VAL B 289 12.10 -2.44 -29.17
C VAL B 289 13.16 -2.34 -30.27
N ALA B 290 14.41 -2.59 -29.90
CA ALA B 290 15.52 -2.53 -30.86
C ALA B 290 15.28 -3.53 -31.98
N ARG B 291 14.91 -4.76 -31.60
CA ARG B 291 14.64 -5.81 -32.57
C ARG B 291 13.50 -5.44 -33.51
N LEU B 292 12.44 -4.84 -32.95
CA LEU B 292 11.30 -4.44 -33.75
C LEU B 292 11.70 -3.34 -34.72
N GLN B 293 12.64 -2.50 -34.31
CA GLN B 293 13.10 -1.41 -35.15
C GLN B 293 13.92 -1.91 -36.34
N GLN B 294 14.70 -2.96 -36.14
CA GLN B 294 15.47 -3.48 -37.25
C GLN B 294 14.53 -4.27 -38.17
N LEU B 295 13.32 -4.50 -37.69
CA LEU B 295 12.31 -5.19 -38.48
C LEU B 295 11.34 -4.17 -39.08
N GLY B 296 11.80 -2.92 -39.19
CA GLY B 296 10.97 -1.88 -39.77
C GLY B 296 10.26 -0.96 -38.80
N GLY B 297 10.44 -1.20 -37.50
CA GLY B 297 9.79 -0.36 -36.51
C GLY B 297 10.40 1.02 -36.38
N GLY B 298 9.59 1.99 -35.94
CA GLY B 298 10.08 3.34 -35.75
C GLY B 298 10.40 3.58 -34.29
N GLU B 299 10.46 4.85 -33.90
CA GLU B 299 10.75 5.20 -32.51
C GLU B 299 9.62 4.68 -31.62
N ALA B 300 9.97 4.11 -30.48
CA ALA B 300 8.97 3.58 -29.55
C ALA B 300 8.21 4.74 -28.94
N ILE B 301 6.88 4.65 -28.97
CA ILE B 301 6.02 5.69 -28.42
C ILE B 301 5.30 5.25 -27.15
N PRO B 302 5.69 5.82 -26.00
CA PRO B 302 5.08 5.47 -24.71
C PRO B 302 3.68 6.10 -24.61
N LEU B 303 2.69 5.29 -24.28
CA LEU B 303 1.32 5.80 -24.14
C LEU B 303 1.18 6.49 -22.80
N GLU B 304 0.19 7.36 -22.67
CA GLU B 304 -0.04 8.05 -21.41
C GLU B 304 -0.68 7.03 -20.49
N GLY B 305 -0.32 7.04 -19.22
CA GLY B 305 -0.90 6.08 -18.31
C GLY B 305 -0.94 6.48 -16.85
N ARG B 306 -1.63 5.66 -16.06
CA ARG B 306 -1.76 5.88 -14.63
C ARG B 306 -0.37 5.87 -14.01
N GLU B 307 -0.02 6.93 -13.29
CA GLU B 307 1.28 7.00 -12.67
C GLU B 307 1.36 6.13 -11.41
N GLU B 308 2.49 5.47 -11.23
CA GLU B 308 2.71 4.62 -10.06
C GLU B 308 3.80 5.29 -9.23
N ASN B 309 3.60 5.36 -7.92
CA ASN B 309 4.57 5.99 -7.05
C ASN B 309 4.97 5.14 -5.86
N ILE B 310 4.59 3.86 -5.86
CA ILE B 310 4.92 2.99 -4.73
C ILE B 310 6.30 2.35 -4.84
N VAL B 311 7.02 2.35 -3.72
CA VAL B 311 8.34 1.75 -3.64
C VAL B 311 8.43 0.99 -2.31
N PHE B 312 9.01 -0.21 -2.36
CA PHE B 312 9.19 -1.02 -1.16
C PHE B 312 10.69 -1.16 -0.94
N GLU B 313 11.19 -0.58 0.14
CA GLU B 313 12.62 -0.62 0.46
C GLU B 313 13.07 -1.99 0.94
N VAL B 314 14.35 -2.31 0.71
CA VAL B 314 14.88 -3.58 1.19
C VAL B 314 15.09 -3.41 2.68
N PRO B 315 15.26 -4.52 3.41
CA PRO B 315 15.48 -4.40 4.86
C PRO B 315 16.75 -3.60 5.17
N LYS B 316 16.72 -2.82 6.23
CA LYS B 316 17.86 -2.00 6.61
C LYS B 316 19.19 -2.76 6.64
N GLU B 317 19.15 -4.03 7.03
CA GLU B 317 20.35 -4.84 7.11
C GLU B 317 21.01 -5.07 5.75
N LEU B 318 20.22 -4.97 4.68
CA LEU B 318 20.73 -5.21 3.33
C LEU B 318 20.95 -3.97 2.47
N ARG B 319 20.74 -2.78 3.03
CA ARG B 319 20.94 -1.56 2.25
C ARG B 319 22.41 -1.28 2.00
FE1 F3S C . -1.25 7.46 6.77
FE3 F3S C . 0.72 9.26 6.60
FE4 F3S C . -0.93 8.73 4.36
S1 F3S C . -0.41 8.62 8.40
S2 F3S C . -2.75 7.83 5.24
S3 F3S C . 0.37 7.46 5.39
S4 F3S C . 0.18 10.55 4.92
C1 DMA D . -0.28 13.00 8.04
O1 DMA D . -0.20 13.48 9.39
C2 DMA D . -1.40 11.99 7.91
C3 DMA D . -2.33 11.95 6.93
C4 DMA D . -3.38 10.87 6.92
C5 DMA D . -2.39 12.93 5.76
PA DMA D . -0.98 14.79 9.84
O1A DMA D . -0.47 15.93 9.02
O2A DMA D . -0.67 15.06 11.38
O3A DMA D . -2.55 14.63 9.49
PB DMA D . -3.60 13.99 10.55
O1B DMA D . -4.70 13.24 9.67
O2B DMA D . -4.24 15.11 11.29
O3B DMA D . -2.96 12.96 11.58
FE1 F3S E . 1.86 -7.22 -7.04
FE3 F3S E . 4.46 -7.16 -7.77
FE4 F3S E . 3.76 -7.55 -5.06
S1 F3S E . 2.69 -7.73 -8.99
S2 F3S E . 1.66 -8.30 -5.14
S3 F3S E . 3.39 -5.90 -6.32
S4 F3S E . 5.51 -8.23 -6.20
C1 DMA F . 5.79 -10.82 -9.23
O1 DMA F . 5.75 -11.36 -10.56
C2 DMA F . 4.41 -10.91 -8.60
C3 DMA F . 4.14 -11.36 -7.35
C4 DMA F . 2.72 -11.39 -6.83
C5 DMA F . 5.19 -11.86 -6.37
PA DMA F . 6.04 -12.90 -10.86
O1A DMA F . 7.40 -13.22 -10.38
O2A DMA F . 5.94 -13.12 -12.43
O3A DMA F . 5.00 -13.82 -10.02
PB DMA F . 3.53 -14.20 -10.58
O1B DMA F . 2.59 -14.25 -9.31
O2B DMA F . 3.60 -15.57 -11.19
O3B DMA F . 2.94 -13.18 -11.65
#